data_6ZVN
#
_entry.id   6ZVN
#
_cell.length_a   57.677
_cell.length_b   82.528
_cell.length_c   106.700
_cell.angle_alpha   90.000
_cell.angle_beta   90.000
_cell.angle_gamma   90.000
#
_symmetry.space_group_name_H-M   'P 21 21 21'
#
loop_
_entity.id
_entity.type
_entity.pdbx_description
1 polymer Neurotoxin
2 polymer Synaptotagmin-1
3 water water
#
loop_
_entity_poly.entity_id
_entity_poly.type
_entity_poly.pdbx_seq_one_letter_code
_entity_poly.pdbx_strand_id
1 'polypeptide(L)'
;SHMNSEILNNIILNLRYRDNNLIDLSGYGANVEVYDGVELNDKNQFKLTSSTNSEIRVTQNQNIIFNSMFLDFSVSFWIR
IPKYKNDGIQNYIHNEYTIINCIKNNSGWKISIRGNRIIWTLTDINGKTKSVFFEYSIREDISDYINRWFFVTITNNSDN
AKIYINGKLESNIDIKDIGEVIANGEIIFKLDGDIDRTQFIWMKYFSIFNTELSQSNIKEIYKIQSYSEYLKDFWGNPLM
YNKEYYMFNAGNKNSYIKLKKDSSVGEILTRSKYNQNSNYINYRNLYIGEKFIIRRKSNSQSINDDIVRKEDYIYLDFFN
SNREWRVYAYKDFKEEEKKLFLANIYDSNEFYKTIQIKEYDEQPTYSCQLLFKKDEESTDEIGLIGIHRFYESGIVLKDY
KNYFCISKWYLKEVKRKPYNPNLGCNWQFIPKDEGWIE
;
AAA
2 'polypeptide(L)' GEGKEDAFSKLKEKFMNELHK BBB
#
# COMPACT_ATOMS: atom_id res chain seq x y z
N LEU A 8 17.39 -19.66 5.58
CA LEU A 8 17.37 -18.81 4.35
C LEU A 8 18.48 -17.75 4.42
N ASN A 9 19.73 -18.21 4.58
CA ASN A 9 20.96 -17.39 4.46
C ASN A 9 21.55 -17.58 3.06
N ASN A 10 20.80 -18.21 2.14
CA ASN A 10 21.23 -18.52 0.75
C ASN A 10 21.16 -17.25 -0.09
N ILE A 11 21.51 -16.10 0.49
CA ILE A 11 21.44 -14.75 -0.13
C ILE A 11 22.85 -14.36 -0.53
N ILE A 12 23.03 -13.90 -1.77
CA ILE A 12 24.35 -13.49 -2.35
C ILE A 12 24.45 -11.96 -2.30
N LEU A 13 23.35 -11.26 -2.54
CA LEU A 13 23.24 -9.79 -2.42
C LEU A 13 22.03 -9.43 -1.56
N ASN A 14 22.25 -8.65 -0.51
CA ASN A 14 21.19 -8.15 0.42
C ASN A 14 21.37 -6.65 0.60
N LEU A 15 20.86 -5.85 -0.35
CA LEU A 15 20.88 -4.37 -0.32
C LEU A 15 19.94 -3.87 0.77
N ARG A 16 20.50 -3.27 1.84
CA ARG A 16 19.73 -2.73 2.99
C ARG A 16 20.30 -1.38 3.40
N TYR A 17 19.46 -0.52 3.98
CA TYR A 17 19.83 0.81 4.54
C TYR A 17 20.78 0.60 5.72
N ARG A 18 21.80 1.46 5.83
CA ARG A 18 22.72 1.56 6.99
C ARG A 18 23.50 2.88 6.90
N ASP A 19 23.48 3.67 8.00
CA ASP A 19 24.23 4.95 8.15
C ASP A 19 23.97 5.85 6.94
N ASN A 20 22.70 6.02 6.58
CA ASN A 20 22.24 6.94 5.49
C ASN A 20 22.89 6.50 4.17
N ASN A 21 22.92 5.20 3.90
CA ASN A 21 23.49 4.63 2.64
C ASN A 21 22.89 3.25 2.43
N LEU A 22 22.87 2.77 1.18
CA LEU A 22 22.46 1.39 0.81
C LEU A 22 23.73 0.56 0.64
N ILE A 23 23.80 -0.61 1.28
CA ILE A 23 25.01 -1.49 1.26
C ILE A 23 24.60 -2.96 1.18
N ASP A 24 25.57 -3.83 0.89
CA ASP A 24 25.44 -5.30 0.87
C ASP A 24 25.62 -5.82 2.30
N LEU A 25 24.55 -6.37 2.89
CA LEU A 25 24.56 -7.03 4.22
C LEU A 25 24.47 -8.55 4.05
N SER A 26 24.99 -9.09 2.95
CA SER A 26 24.98 -10.55 2.63
C SER A 26 26.12 -11.26 3.36
N GLY A 27 27.25 -10.58 3.56
CA GLY A 27 28.51 -11.16 4.09
C GLY A 27 29.47 -11.53 2.97
N TYR A 28 29.16 -11.15 1.72
CA TYR A 28 30.04 -11.32 0.53
C TYR A 28 30.63 -9.95 0.14
N GLY A 29 30.02 -8.85 0.61
CA GLY A 29 30.60 -7.49 0.63
C GLY A 29 30.76 -6.88 -0.76
N ALA A 30 29.78 -7.05 -1.65
CA ALA A 30 29.73 -6.40 -2.98
C ALA A 30 29.90 -4.89 -2.81
N ASN A 31 30.64 -4.25 -3.72
CA ASN A 31 30.78 -2.77 -3.77
C ASN A 31 29.46 -2.18 -4.29
N VAL A 32 28.88 -1.22 -3.55
CA VAL A 32 27.58 -0.57 -3.89
C VAL A 32 27.79 0.94 -3.93
N GLU A 33 27.57 1.55 -5.11
CA GLU A 33 27.67 3.02 -5.33
C GLU A 33 26.26 3.59 -5.57
N VAL A 34 25.75 4.35 -4.61
CA VAL A 34 24.49 5.14 -4.75
C VAL A 34 24.88 6.54 -5.23
N TYR A 35 24.35 6.96 -6.38
CA TYR A 35 24.61 8.30 -6.96
C TYR A 35 23.62 9.33 -6.38
N ASP A 36 23.99 10.61 -6.44
CA ASP A 36 23.35 11.74 -5.70
C ASP A 36 21.85 11.83 -5.98
N GLY A 37 21.39 11.37 -7.15
CA GLY A 37 19.99 11.53 -7.61
C GLY A 37 19.04 10.48 -7.07
N VAL A 38 19.54 9.52 -6.28
CA VAL A 38 18.70 8.50 -5.57
C VAL A 38 18.33 9.08 -4.20
N GLU A 39 17.04 9.00 -3.83
CA GLU A 39 16.51 9.38 -2.49
C GLU A 39 16.46 8.13 -1.61
N LEU A 40 16.95 8.21 -0.38
CA LEU A 40 17.04 7.10 0.61
C LEU A 40 16.34 7.52 1.91
N ASN A 41 15.67 6.58 2.59
CA ASN A 41 15.16 6.76 3.97
C ASN A 41 15.48 5.51 4.78
N ASP A 42 15.35 5.62 6.12
CA ASP A 42 15.74 4.59 7.11
C ASP A 42 14.70 3.46 7.13
N LYS A 43 13.61 3.62 6.36
CA LYS A 43 12.56 2.58 6.15
C LYS A 43 12.89 1.76 4.89
N ASN A 44 14.12 1.86 4.38
CA ASN A 44 14.71 0.96 3.35
C ASN A 44 14.13 1.25 1.96
N GLN A 45 13.41 2.37 1.81
CA GLN A 45 12.83 2.80 0.51
C GLN A 45 13.89 3.59 -0.25
N PHE A 46 13.95 3.41 -1.58
CA PHE A 46 14.79 4.23 -2.49
C PHE A 46 14.03 4.49 -3.79
N LYS A 47 14.09 5.74 -4.25
CA LYS A 47 13.33 6.26 -5.41
C LYS A 47 14.27 6.40 -6.60
N LEU A 48 13.89 5.86 -7.77
CA LEU A 48 14.58 6.04 -9.07
C LEU A 48 13.82 7.07 -9.91
N THR A 49 14.44 8.22 -10.19
CA THR A 49 13.85 9.34 -10.99
C THR A 49 14.48 9.36 -12.39
N SER A 50 14.05 10.30 -13.24
CA SER A 50 14.49 10.44 -14.66
C SER A 50 15.84 11.16 -14.74
N SER A 51 16.32 11.76 -13.64
CA SER A 51 17.59 12.52 -13.56
C SER A 51 18.77 11.65 -14.01
N THR A 52 19.80 12.27 -14.59
CA THR A 52 21.04 11.64 -15.09
C THR A 52 21.68 10.78 -14.00
N ASN A 53 21.76 11.31 -12.77
CA ASN A 53 22.56 10.74 -11.65
C ASN A 53 21.65 10.02 -10.65
N SER A 54 20.46 9.56 -11.07
CA SER A 54 19.56 8.70 -10.28
C SER A 54 19.83 7.23 -10.62
N GLU A 55 20.90 6.66 -10.09
CA GLU A 55 21.26 5.23 -10.32
C GLU A 55 22.03 4.65 -9.13
N ILE A 56 21.91 3.34 -8.93
CA ILE A 56 22.77 2.51 -8.01
C ILE A 56 23.56 1.53 -8.88
N ARG A 57 24.86 1.40 -8.62
CA ARG A 57 25.79 0.53 -9.37
C ARG A 57 26.38 -0.51 -8.42
N VAL A 58 26.12 -1.80 -8.67
CA VAL A 58 26.55 -2.93 -7.79
C VAL A 58 27.53 -3.82 -8.57
N THR A 59 28.75 -3.98 -8.04
CA THR A 59 29.79 -4.90 -8.56
C THR A 59 29.75 -6.21 -7.75
N GLN A 60 29.08 -7.24 -8.27
CA GLN A 60 29.01 -8.60 -7.67
C GLN A 60 30.44 -9.16 -7.56
N ASN A 61 30.67 -10.02 -6.55
CA ASN A 61 32.00 -10.54 -6.17
C ASN A 61 32.51 -11.50 -7.27
N LEU A 71 22.43 -23.08 -13.84
CA LEU A 71 21.63 -21.85 -13.61
C LEU A 71 20.54 -22.14 -12.56
N ASP A 72 20.66 -21.53 -11.38
CA ASP A 72 19.73 -21.76 -10.23
C ASP A 72 19.81 -20.57 -9.27
N PHE A 73 18.95 -19.56 -9.45
CA PHE A 73 18.98 -18.30 -8.67
C PHE A 73 17.59 -17.65 -8.60
N SER A 74 17.39 -16.79 -7.60
CA SER A 74 16.13 -16.08 -7.30
C SER A 74 16.41 -14.61 -6.97
N VAL A 75 15.47 -13.72 -7.34
CA VAL A 75 15.53 -12.25 -7.07
C VAL A 75 14.21 -11.85 -6.41
N SER A 76 14.27 -11.19 -5.25
CA SER A 76 13.11 -10.60 -4.53
C SER A 76 13.31 -9.09 -4.33
N PHE A 77 12.21 -8.35 -4.29
CA PHE A 77 12.15 -6.90 -3.97
C PHE A 77 10.69 -6.49 -3.80
N TRP A 78 10.45 -5.36 -3.13
CA TRP A 78 9.15 -4.65 -3.14
C TRP A 78 9.24 -3.46 -4.09
N ILE A 79 8.09 -3.00 -4.57
CA ILE A 79 8.01 -1.94 -5.61
C ILE A 79 6.67 -1.20 -5.47
N ARG A 80 6.67 0.09 -5.76
CA ARG A 80 5.47 0.97 -5.75
C ARG A 80 5.48 1.76 -7.05
N ILE A 81 4.65 1.32 -8.02
CA ILE A 81 4.64 1.81 -9.42
C ILE A 81 3.55 2.88 -9.54
N PRO A 82 3.92 4.13 -9.91
CA PRO A 82 2.93 5.19 -10.12
C PRO A 82 1.79 4.80 -11.05
N LYS A 83 0.58 5.29 -10.74
CA LYS A 83 -0.61 5.23 -11.64
C LYS A 83 -0.31 6.05 -12.90
N TYR A 84 -0.75 5.54 -14.05
CA TYR A 84 -0.83 6.25 -15.35
C TYR A 84 -1.41 7.65 -15.18
N LYS A 85 -0.83 8.65 -15.85
CA LYS A 85 -1.49 9.95 -16.12
C LYS A 85 -2.65 9.66 -17.08
N ASN A 86 -3.86 10.13 -16.75
CA ASN A 86 -5.10 9.86 -17.54
C ASN A 86 -4.93 10.36 -18.97
N ASP A 87 -4.23 11.49 -19.17
CA ASP A 87 -4.09 12.18 -20.48
C ASP A 87 -3.02 11.49 -21.34
N GLY A 88 -2.10 10.73 -20.72
CA GLY A 88 -0.95 10.09 -21.42
C GLY A 88 -1.00 8.57 -21.36
N ILE A 89 -2.18 7.99 -21.56
CA ILE A 89 -2.43 6.50 -21.43
C ILE A 89 -1.67 5.73 -22.53
N GLN A 90 -1.53 6.31 -23.73
CA GLN A 90 -0.96 5.62 -24.92
C GLN A 90 0.54 5.36 -24.71
N ASN A 91 1.29 6.38 -24.27
CA ASN A 91 2.72 6.28 -23.89
C ASN A 91 2.88 5.19 -22.81
N TYR A 92 2.07 5.29 -21.74
CA TYR A 92 2.01 4.34 -20.60
C TYR A 92 1.99 2.90 -21.13
N ILE A 93 1.03 2.58 -22.01
CA ILE A 93 0.76 1.20 -22.50
C ILE A 93 1.84 0.75 -23.49
N HIS A 94 2.44 1.66 -24.27
CA HIS A 94 3.41 1.34 -25.34
C HIS A 94 4.85 1.30 -24.80
N ASN A 95 5.28 2.38 -24.14
CA ASN A 95 6.70 2.65 -23.80
C ASN A 95 7.16 1.73 -22.66
N GLU A 96 8.08 0.81 -22.99
CA GLU A 96 8.80 -0.04 -22.00
C GLU A 96 10.07 0.70 -21.57
N TYR A 97 10.47 0.53 -20.31
CA TYR A 97 11.72 1.10 -19.73
C TYR A 97 12.28 0.10 -18.72
N THR A 98 13.60 -0.13 -18.79
CA THR A 98 14.38 -0.92 -17.80
C THR A 98 14.42 -0.15 -16.47
N ILE A 99 14.41 -0.86 -15.34
CA ILE A 99 14.63 -0.30 -13.98
C ILE A 99 15.86 -0.95 -13.34
N ILE A 100 16.12 -2.24 -13.59
CA ILE A 100 17.36 -2.95 -13.15
C ILE A 100 17.92 -3.75 -14.34
N ASN A 101 19.21 -3.54 -14.66
CA ASN A 101 19.93 -4.16 -15.79
C ASN A 101 21.19 -4.83 -15.26
N CYS A 102 21.34 -6.15 -15.48
CA CYS A 102 22.54 -6.95 -15.13
C CYS A 102 23.02 -7.71 -16.37
N ILE A 103 24.00 -7.15 -17.08
CA ILE A 103 24.50 -7.64 -18.40
C ILE A 103 26.03 -7.71 -18.36
N LYS A 104 26.61 -8.71 -19.03
CA LYS A 104 28.06 -8.78 -19.37
C LYS A 104 28.22 -9.54 -20.68
N ASN A 105 28.90 -8.94 -21.67
CA ASN A 105 29.08 -9.48 -23.04
C ASN A 105 27.71 -9.67 -23.71
N ASN A 106 26.78 -8.75 -23.47
CA ASN A 106 25.41 -8.71 -24.07
C ASN A 106 24.52 -9.81 -23.50
N SER A 107 24.95 -10.47 -22.41
CA SER A 107 24.26 -11.63 -21.78
C SER A 107 24.01 -11.33 -20.30
N GLY A 108 22.83 -11.72 -19.79
CA GLY A 108 22.42 -11.54 -18.39
C GLY A 108 20.91 -11.49 -18.24
N TRP A 109 20.41 -10.65 -17.32
CA TRP A 109 18.96 -10.47 -17.02
C TRP A 109 18.65 -8.99 -16.80
N LYS A 110 17.40 -8.60 -17.03
CA LYS A 110 16.91 -7.23 -16.71
C LYS A 110 15.43 -7.29 -16.28
N ILE A 111 15.07 -6.43 -15.33
CA ILE A 111 13.67 -6.15 -14.89
C ILE A 111 13.25 -4.85 -15.56
N SER A 112 12.21 -4.90 -16.39
CA SER A 112 11.64 -3.74 -17.12
C SER A 112 10.15 -3.61 -16.80
N ILE A 113 9.58 -2.42 -17.02
CA ILE A 113 8.13 -2.13 -16.85
C ILE A 113 7.60 -1.50 -18.14
N ARG A 114 6.42 -1.95 -18.58
CA ARG A 114 5.65 -1.32 -19.69
C ARG A 114 4.21 -1.12 -19.19
N GLY A 115 3.88 0.12 -18.83
CA GLY A 115 2.59 0.50 -18.22
C GLY A 115 2.29 -0.33 -16.99
N ASN A 116 1.21 -1.12 -17.03
CA ASN A 116 0.68 -1.91 -15.88
C ASN A 116 1.30 -3.31 -15.90
N ARG A 117 2.49 -3.44 -16.48
CA ARG A 117 3.20 -4.74 -16.64
C ARG A 117 4.61 -4.61 -16.07
N ILE A 118 5.08 -5.64 -15.35
CA ILE A 118 6.50 -5.79 -14.92
C ILE A 118 7.04 -7.06 -15.59
N ILE A 119 8.20 -6.95 -16.24
CA ILE A 119 8.74 -7.92 -17.24
C ILE A 119 10.13 -8.39 -16.78
N TRP A 120 10.32 -9.71 -16.70
CA TRP A 120 11.62 -10.38 -16.46
C TRP A 120 12.14 -10.95 -17.79
N THR A 121 13.40 -10.67 -18.13
CA THR A 121 14.03 -11.07 -19.41
C THR A 121 15.39 -11.73 -19.12
N LEU A 122 15.65 -12.87 -19.78
CA LEU A 122 16.96 -13.58 -19.79
C LEU A 122 17.52 -13.52 -21.21
N THR A 123 18.80 -13.14 -21.35
CA THR A 123 19.54 -13.11 -22.64
C THR A 123 20.81 -13.96 -22.51
N ASP A 124 21.00 -14.94 -23.42
CA ASP A 124 22.16 -15.87 -23.42
C ASP A 124 23.32 -15.23 -24.19
N ILE A 125 24.43 -15.96 -24.32
CA ILE A 125 25.70 -15.48 -24.97
C ILE A 125 25.47 -15.22 -26.47
N ASN A 126 24.52 -15.91 -27.09
CA ASN A 126 24.23 -15.82 -28.55
C ASN A 126 23.15 -14.77 -28.82
N GLY A 127 22.69 -14.05 -27.79
CA GLY A 127 21.67 -12.99 -27.91
C GLY A 127 20.25 -13.52 -27.92
N LYS A 128 20.06 -14.80 -27.59
CA LYS A 128 18.74 -15.47 -27.53
C LYS A 128 18.00 -14.98 -26.28
N THR A 129 16.73 -14.56 -26.44
CA THR A 129 15.93 -13.86 -25.41
C THR A 129 14.63 -14.63 -25.14
N LYS A 130 14.26 -14.78 -23.88
CA LYS A 130 12.89 -15.17 -23.43
C LYS A 130 12.49 -14.29 -22.25
N SER A 131 11.21 -13.95 -22.18
CA SER A 131 10.62 -13.00 -21.19
C SER A 131 9.38 -13.60 -20.55
N VAL A 132 9.16 -13.28 -19.27
CA VAL A 132 7.92 -13.58 -18.49
C VAL A 132 7.52 -12.29 -17.79
N PHE A 133 6.21 -12.04 -17.67
CA PHE A 133 5.64 -10.75 -17.21
C PHE A 133 4.48 -11.00 -16.24
N PHE A 134 4.19 -10.02 -15.39
CA PHE A 134 2.95 -9.92 -14.58
C PHE A 134 2.22 -8.65 -14.98
N GLU A 135 0.92 -8.77 -15.30
CA GLU A 135 0.05 -7.64 -15.71
C GLU A 135 -1.10 -7.51 -14.70
N TYR A 136 -1.15 -6.38 -13.99
CA TYR A 136 -2.27 -6.01 -13.08
C TYR A 136 -3.25 -5.14 -13.87
N SER A 137 -4.55 -5.35 -13.62
CA SER A 137 -5.66 -4.64 -14.31
C SER A 137 -5.59 -3.14 -14.00
N ILE A 138 -5.99 -2.31 -14.96
CA ILE A 138 -6.17 -0.85 -14.82
C ILE A 138 -7.66 -0.53 -15.07
N ARG A 139 -8.53 -1.49 -14.77
CA ARG A 139 -10.01 -1.37 -14.93
C ARG A 139 -10.71 -1.73 -13.61
N GLU A 140 -9.97 -1.91 -12.52
CA GLU A 140 -10.52 -2.32 -11.21
C GLU A 140 -10.99 -1.09 -10.42
N ASP A 141 -12.15 -1.19 -9.78
CA ASP A 141 -12.71 -0.15 -8.87
C ASP A 141 -11.64 0.24 -7.84
N ILE A 142 -11.08 -0.74 -7.13
CA ILE A 142 -9.95 -0.60 -6.17
C ILE A 142 -8.89 -1.66 -6.50
N SER A 143 -7.71 -1.22 -6.93
CA SER A 143 -6.54 -2.10 -7.26
C SER A 143 -5.70 -2.36 -6.00
N ASP A 144 -5.26 -3.61 -5.81
CA ASP A 144 -4.32 -4.01 -4.75
C ASP A 144 -2.91 -3.51 -5.07
N TYR A 145 -2.63 -3.18 -6.35
CA TYR A 145 -1.26 -3.04 -6.91
C TYR A 145 -0.91 -1.59 -7.27
N ILE A 146 -1.84 -0.84 -7.90
CA ILE A 146 -1.54 0.49 -8.51
C ILE A 146 -1.09 1.47 -7.43
N ASN A 147 0.17 1.90 -7.49
CA ASN A 147 0.77 2.95 -6.62
C ASN A 147 0.86 2.47 -5.18
N ARG A 148 0.71 1.16 -4.94
CA ARG A 148 0.76 0.54 -3.59
C ARG A 148 1.97 -0.40 -3.54
N TRP A 149 2.71 -0.41 -2.42
CA TRP A 149 3.81 -1.38 -2.15
C TRP A 149 3.27 -2.80 -2.26
N PHE A 150 3.80 -3.59 -3.20
CA PHE A 150 3.56 -5.05 -3.30
C PHE A 150 4.91 -5.74 -3.47
N PHE A 151 4.92 -7.06 -3.27
CA PHE A 151 6.13 -7.91 -3.18
C PHE A 151 6.27 -8.72 -4.47
N VAL A 152 7.47 -8.68 -5.07
CA VAL A 152 7.83 -9.41 -6.32
C VAL A 152 8.93 -10.41 -5.99
N THR A 153 8.79 -11.66 -6.45
CA THR A 153 9.81 -12.73 -6.35
C THR A 153 9.91 -13.45 -7.69
N ILE A 154 11.14 -13.59 -8.21
CA ILE A 154 11.44 -14.21 -9.53
C ILE A 154 12.46 -15.34 -9.30
N THR A 155 12.05 -16.58 -9.55
CA THR A 155 12.91 -17.80 -9.39
C THR A 155 13.29 -18.33 -10.77
N ASN A 156 14.46 -18.99 -10.85
CA ASN A 156 15.02 -19.54 -12.11
C ASN A 156 15.76 -20.85 -11.81
N ASN A 157 15.47 -21.91 -12.57
CA ASN A 157 16.25 -23.17 -12.60
C ASN A 157 16.66 -23.42 -14.06
N SER A 158 16.88 -24.67 -14.45
CA SER A 158 17.27 -25.08 -15.83
C SER A 158 16.06 -25.08 -16.78
N ASP A 159 14.84 -25.16 -16.22
CA ASP A 159 13.59 -25.47 -16.96
C ASP A 159 12.71 -24.21 -17.05
N ASN A 160 12.38 -23.60 -15.92
CA ASN A 160 11.32 -22.56 -15.80
C ASN A 160 11.85 -21.28 -15.15
N ALA A 161 11.44 -20.12 -15.67
CA ALA A 161 11.52 -18.79 -15.04
C ALA A 161 10.10 -18.31 -14.72
N LYS A 162 9.81 -18.03 -13.46
CA LYS A 162 8.42 -17.74 -12.98
C LYS A 162 8.41 -16.55 -12.02
N ILE A 163 7.30 -15.82 -11.99
CA ILE A 163 7.06 -14.62 -11.14
C ILE A 163 6.00 -14.98 -10.09
N TYR A 164 6.30 -14.72 -8.82
CA TYR A 164 5.36 -14.77 -7.67
C TYR A 164 5.08 -13.34 -7.20
N ILE A 165 3.80 -13.00 -6.96
CA ILE A 165 3.35 -11.65 -6.49
C ILE A 165 2.62 -11.82 -5.16
N ASN A 166 3.16 -11.21 -4.09
CA ASN A 166 2.66 -11.33 -2.69
C ASN A 166 2.58 -12.82 -2.31
N GLY A 167 3.58 -13.60 -2.72
CA GLY A 167 3.75 -15.01 -2.32
C GLY A 167 3.02 -15.98 -3.23
N LYS A 168 2.17 -15.49 -4.14
CA LYS A 168 1.33 -16.32 -5.04
C LYS A 168 1.95 -16.38 -6.44
N LEU A 169 2.05 -17.58 -7.02
CA LEU A 169 2.50 -17.80 -8.42
C LEU A 169 1.50 -17.14 -9.36
N GLU A 170 2.00 -16.32 -10.30
CA GLU A 170 1.18 -15.53 -11.25
C GLU A 170 1.53 -15.93 -12.69
N SER A 171 2.82 -16.04 -13.00
CA SER A 171 3.36 -16.30 -14.37
C SER A 171 4.43 -17.39 -14.30
N ASN A 172 4.75 -17.99 -15.45
CA ASN A 172 5.65 -19.17 -15.59
C ASN A 172 5.83 -19.50 -17.07
N ILE A 173 7.07 -19.59 -17.55
CA ILE A 173 7.42 -19.98 -18.95
C ILE A 173 8.65 -20.87 -18.96
N ASP A 174 8.76 -21.73 -19.98
CA ASP A 174 9.86 -22.71 -20.20
C ASP A 174 11.05 -21.98 -20.84
N ILE A 175 12.28 -22.30 -20.43
CA ILE A 175 13.53 -21.60 -20.86
C ILE A 175 14.62 -22.61 -21.26
N LYS A 176 14.26 -23.85 -21.60
CA LYS A 176 15.23 -24.93 -21.95
C LYS A 176 15.90 -24.60 -23.30
N ASP A 177 15.26 -23.78 -24.13
CA ASP A 177 15.79 -23.29 -25.42
C ASP A 177 17.05 -22.45 -25.19
N ILE A 178 17.07 -21.69 -24.08
CA ILE A 178 18.11 -20.67 -23.77
C ILE A 178 19.43 -21.39 -23.45
N GLY A 179 20.54 -20.89 -24.00
CA GLY A 179 21.90 -21.42 -23.76
C GLY A 179 22.47 -20.92 -22.43
N GLU A 180 23.78 -20.69 -22.38
CA GLU A 180 24.49 -20.16 -21.18
C GLU A 180 24.05 -18.72 -20.93
N VAL A 181 23.71 -18.39 -19.68
CA VAL A 181 23.29 -17.03 -19.23
C VAL A 181 24.29 -16.55 -18.17
N ILE A 182 25.17 -15.61 -18.53
CA ILE A 182 26.15 -14.97 -17.62
C ILE A 182 25.39 -13.97 -16.72
N ALA A 183 25.22 -14.31 -15.44
CA ALA A 183 24.36 -13.60 -14.46
C ALA A 183 25.20 -12.89 -13.39
N ASN A 184 26.53 -12.94 -13.48
CA ASN A 184 27.46 -12.32 -12.49
C ASN A 184 27.86 -10.91 -12.98
N GLY A 185 27.13 -10.37 -13.97
CA GLY A 185 27.33 -9.00 -14.50
C GLY A 185 27.09 -7.93 -13.45
N GLU A 186 27.67 -6.76 -13.65
CA GLU A 186 27.45 -5.54 -12.83
C GLU A 186 25.95 -5.17 -12.90
N ILE A 187 25.33 -4.92 -11.74
CA ILE A 187 23.87 -4.59 -11.63
C ILE A 187 23.70 -3.07 -11.58
N ILE A 188 23.01 -2.49 -12.58
CA ILE A 188 22.67 -1.04 -12.65
C ILE A 188 21.16 -0.88 -12.36
N PHE A 189 20.82 -0.25 -11.23
CA PHE A 189 19.45 0.25 -10.89
C PHE A 189 19.28 1.63 -11.53
N LYS A 190 18.45 1.76 -12.57
CA LYS A 190 18.30 3.02 -13.34
C LYS A 190 17.14 2.91 -14.32
N LEU A 191 16.38 4.00 -14.50
CA LEU A 191 15.30 4.10 -15.52
C LEU A 191 15.97 4.31 -16.88
N ASP A 192 15.61 3.48 -17.87
CA ASP A 192 16.23 3.46 -19.22
C ASP A 192 15.16 3.13 -20.25
N GLY A 193 14.89 4.06 -21.18
CA GLY A 193 13.90 3.90 -22.26
C GLY A 193 13.23 5.22 -22.62
N ASP A 194 12.03 5.15 -23.20
CA ASP A 194 11.19 6.33 -23.57
C ASP A 194 10.33 6.70 -22.36
N ILE A 195 10.89 7.52 -21.45
CA ILE A 195 10.24 7.91 -20.16
C ILE A 195 9.97 9.42 -20.15
N ASP A 196 8.87 9.82 -19.51
CA ASP A 196 8.54 11.23 -19.17
C ASP A 196 9.53 11.69 -18.09
N ARG A 197 9.84 12.99 -18.02
CA ARG A 197 10.69 13.57 -16.94
C ARG A 197 10.01 13.35 -15.58
N THR A 198 8.69 13.16 -15.58
CA THR A 198 7.84 13.00 -14.38
C THR A 198 7.97 11.58 -13.80
N GLN A 199 8.41 10.61 -14.60
CA GLN A 199 8.42 9.17 -14.26
C GLN A 199 9.35 8.90 -13.07
N PHE A 200 8.94 8.03 -12.16
CA PHE A 200 9.72 7.58 -10.98
C PHE A 200 9.29 6.16 -10.57
N ILE A 201 10.12 5.48 -9.79
CA ILE A 201 9.84 4.14 -9.21
C ILE A 201 10.38 4.11 -7.78
N TRP A 202 9.56 3.67 -6.81
CA TRP A 202 9.98 3.35 -5.42
C TRP A 202 10.27 1.85 -5.33
N MET A 203 11.31 1.47 -4.57
CA MET A 203 11.74 0.06 -4.38
C MET A 203 12.29 -0.11 -2.96
N LYS A 204 12.28 -1.33 -2.42
CA LYS A 204 12.94 -1.66 -1.13
C LYS A 204 13.22 -3.16 -1.04
N TYR A 205 14.17 -3.53 -0.17
CA TYR A 205 14.55 -4.91 0.22
C TYR A 205 14.97 -5.74 -1.01
N PHE A 206 15.77 -5.18 -1.92
CA PHE A 206 16.31 -5.91 -3.10
C PHE A 206 17.28 -7.00 -2.63
N SER A 207 16.99 -8.26 -2.96
CA SER A 207 17.81 -9.43 -2.58
C SER A 207 18.01 -10.38 -3.78
N ILE A 208 19.18 -11.02 -3.86
CA ILE A 208 19.46 -12.14 -4.80
C ILE A 208 19.80 -13.39 -3.98
N PHE A 209 19.16 -14.52 -4.30
CA PHE A 209 19.42 -15.86 -3.71
C PHE A 209 20.10 -16.73 -4.77
N ASN A 210 21.02 -17.62 -4.34
CA ASN A 210 21.72 -18.60 -5.23
C ASN A 210 20.96 -19.92 -5.20
N THR A 211 19.64 -19.88 -5.37
CA THR A 211 18.76 -21.07 -5.45
C THR A 211 17.37 -20.67 -5.98
N GLU A 212 16.67 -21.62 -6.60
CA GLU A 212 15.21 -21.52 -6.88
C GLU A 212 14.50 -21.61 -5.52
N LEU A 213 13.96 -20.49 -5.04
CA LEU A 213 13.10 -20.47 -3.82
C LEU A 213 11.79 -21.20 -4.14
N SER A 214 11.29 -21.99 -3.19
CA SER A 214 9.98 -22.68 -3.25
C SER A 214 8.88 -21.67 -2.94
N GLN A 215 7.61 -22.01 -3.19
CA GLN A 215 6.45 -21.15 -2.82
C GLN A 215 6.44 -20.98 -1.30
N SER A 216 6.72 -22.06 -0.55
CA SER A 216 6.76 -22.09 0.94
C SER A 216 7.76 -21.04 1.46
N ASN A 217 8.95 -20.97 0.84
CA ASN A 217 10.02 -19.99 1.19
C ASN A 217 9.51 -18.56 0.97
N ILE A 218 8.72 -18.33 -0.08
CA ILE A 218 8.32 -16.97 -0.54
C ILE A 218 7.19 -16.45 0.36
N LYS A 219 6.22 -17.29 0.70
CA LYS A 219 5.14 -16.96 1.68
C LYS A 219 5.80 -16.50 2.99
N GLU A 220 6.86 -17.20 3.42
CA GLU A 220 7.60 -16.91 4.67
C GLU A 220 8.34 -15.57 4.57
N ILE A 221 8.99 -15.29 3.42
CA ILE A 221 9.71 -14.01 3.16
C ILE A 221 8.70 -12.86 3.07
N TYR A 222 7.58 -13.07 2.36
CA TYR A 222 6.48 -12.08 2.22
C TYR A 222 5.97 -11.65 3.60
N LYS A 223 5.76 -12.63 4.49
CA LYS A 223 5.18 -12.38 5.84
C LYS A 223 6.21 -11.69 6.74
N ILE A 224 7.49 -12.05 6.61
CA ILE A 224 8.59 -11.41 7.38
C ILE A 224 8.69 -9.94 6.97
N GLN A 225 8.85 -9.68 5.66
CA GLN A 225 9.09 -8.32 5.12
C GLN A 225 7.81 -7.48 5.20
N SER A 226 6.64 -8.10 5.36
CA SER A 226 5.32 -7.43 5.58
C SER A 226 5.25 -6.76 6.97
N TYR A 227 5.99 -7.27 7.96
CA TYR A 227 5.96 -6.76 9.37
C TYR A 227 6.70 -5.42 9.48
N SER A 228 6.20 -4.56 10.39
CA SER A 228 6.84 -3.30 10.84
C SER A 228 6.34 -2.93 12.25
N GLU A 229 7.16 -2.19 13.01
CA GLU A 229 6.82 -1.67 14.37
C GLU A 229 5.54 -0.83 14.31
N TYR A 230 5.36 -0.09 13.21
CA TYR A 230 4.34 0.97 13.01
C TYR A 230 3.20 0.46 12.12
N LEU A 231 2.06 1.15 12.18
CA LEU A 231 0.91 0.95 11.26
C LEU A 231 1.22 1.63 9.93
N LYS A 232 0.54 1.22 8.86
CA LYS A 232 0.78 1.71 7.47
C LYS A 232 -0.47 2.43 6.93
N ASP A 233 -0.30 3.23 5.89
CA ASP A 233 -1.39 3.92 5.15
C ASP A 233 -1.81 3.03 3.97
N PHE A 234 -2.78 3.50 3.18
CA PHE A 234 -3.33 2.80 1.99
C PHE A 234 -2.20 2.38 1.03
N TRP A 235 -1.18 3.23 0.86
CA TRP A 235 -0.09 3.01 -0.13
C TRP A 235 0.94 2.01 0.42
N GLY A 236 0.86 1.68 1.72
CA GLY A 236 1.81 0.78 2.40
C GLY A 236 2.96 1.55 3.03
N ASN A 237 2.85 2.88 3.14
CA ASN A 237 3.83 3.78 3.82
C ASN A 237 3.42 3.94 5.29
N PRO A 238 4.34 4.37 6.18
CA PRO A 238 4.03 4.45 7.61
C PRO A 238 2.93 5.47 7.93
N LEU A 239 1.95 5.06 8.74
CA LEU A 239 0.81 5.93 9.20
C LEU A 239 1.37 6.99 10.15
N MET A 240 1.07 8.26 9.88
CA MET A 240 1.66 9.45 10.56
C MET A 240 0.59 10.19 11.37
N TYR A 241 1.02 10.94 12.37
CA TYR A 241 0.20 11.92 13.12
C TYR A 241 0.20 13.25 12.36
N ASN A 242 -0.81 14.08 12.59
CA ASN A 242 -0.87 15.48 12.10
C ASN A 242 -0.80 15.50 10.57
N LYS A 243 -1.33 14.46 9.92
CA LYS A 243 -1.32 14.29 8.44
C LYS A 243 -2.74 14.03 7.95
N GLU A 244 -3.12 14.73 6.88
CA GLU A 244 -4.49 14.69 6.30
C GLU A 244 -4.65 13.40 5.49
N TYR A 245 -5.73 12.67 5.78
CA TYR A 245 -6.05 11.33 5.22
C TYR A 245 -7.52 11.28 4.81
N TYR A 246 -7.82 10.81 3.60
CA TYR A 246 -9.16 10.28 3.22
C TYR A 246 -9.25 8.88 3.84
N MET A 247 -10.48 8.38 4.09
CA MET A 247 -10.69 7.13 4.85
C MET A 247 -11.35 6.08 3.96
N PHE A 248 -10.83 4.85 4.03
CA PHE A 248 -11.19 3.69 3.18
C PHE A 248 -11.68 2.55 4.09
N ASN A 249 -12.81 1.94 3.73
CA ASN A 249 -13.40 0.80 4.47
C ASN A 249 -13.21 -0.48 3.64
N ALA A 250 -12.45 -1.44 4.16
CA ALA A 250 -12.07 -2.70 3.47
C ALA A 250 -13.31 -3.58 3.25
N GLY A 251 -14.32 -3.45 4.12
CA GLY A 251 -15.60 -4.19 4.03
C GLY A 251 -16.58 -3.55 3.07
N ASN A 252 -16.44 -2.25 2.82
CA ASN A 252 -17.33 -1.46 1.92
C ASN A 252 -16.46 -0.57 1.03
N LYS A 253 -15.54 -1.20 0.30
CA LYS A 253 -14.47 -0.54 -0.52
C LYS A 253 -15.05 0.66 -1.27
N ASN A 254 -16.21 0.50 -1.92
CA ASN A 254 -16.79 1.48 -2.87
C ASN A 254 -17.63 2.53 -2.12
N SER A 255 -17.50 2.63 -0.79
CA SER A 255 -18.19 3.62 0.05
C SER A 255 -17.17 4.58 0.67
N TYR A 256 -17.62 5.77 1.09
CA TYR A 256 -16.81 6.77 1.84
C TYR A 256 -17.71 7.49 2.85
N ILE A 257 -17.08 8.30 3.72
CA ILE A 257 -17.76 9.10 4.79
C ILE A 257 -17.90 10.55 4.30
N LYS A 258 -19.12 11.10 4.41
CA LYS A 258 -19.41 12.53 4.20
C LYS A 258 -20.23 13.03 5.39
N LEU A 259 -19.90 14.21 5.91
CA LEU A 259 -20.71 14.90 6.96
C LEU A 259 -22.06 15.25 6.36
N LYS A 260 -23.15 14.80 6.98
CA LYS A 260 -24.54 15.13 6.58
C LYS A 260 -24.69 16.66 6.60
N LYS A 261 -25.27 17.23 5.53
CA LYS A 261 -25.41 18.69 5.31
C LYS A 261 -25.97 19.38 6.56
N ASP A 262 -25.17 20.29 7.16
CA ASP A 262 -25.54 21.15 8.33
C ASP A 262 -26.02 20.29 9.50
N SER A 263 -25.40 19.13 9.71
CA SER A 263 -25.76 18.18 10.81
C SER A 263 -24.49 17.69 11.51
N SER A 264 -24.61 16.61 12.31
CA SER A 264 -23.58 16.12 13.24
C SER A 264 -23.42 14.60 13.17
N VAL A 265 -23.75 14.00 12.02
CA VAL A 265 -23.61 12.53 11.76
C VAL A 265 -22.86 12.34 10.44
N GLY A 266 -22.24 11.16 10.27
CA GLY A 266 -21.51 10.78 9.05
C GLY A 266 -22.31 9.79 8.23
N GLU A 267 -22.91 10.25 7.13
CA GLU A 267 -23.62 9.36 6.16
C GLU A 267 -22.57 8.76 5.21
N ILE A 268 -22.86 7.57 4.69
CA ILE A 268 -21.95 6.78 3.81
C ILE A 268 -22.51 6.83 2.38
N LEU A 269 -21.76 7.45 1.47
CA LEU A 269 -22.11 7.57 0.03
C LEU A 269 -21.21 6.61 -0.78
N THR A 270 -21.59 6.35 -2.04
CA THR A 270 -20.83 5.50 -2.99
C THR A 270 -19.83 6.38 -3.74
N ARG A 271 -18.59 5.91 -3.88
CA ARG A 271 -17.49 6.65 -4.56
C ARG A 271 -17.88 6.90 -6.01
N SER A 272 -17.57 8.08 -6.55
CA SER A 272 -17.64 8.38 -8.00
C SER A 272 -16.52 7.60 -8.71
N LYS A 273 -16.63 7.40 -10.03
CA LYS A 273 -15.63 6.68 -10.85
C LYS A 273 -15.15 7.58 -12.00
N TYR A 274 -14.18 7.11 -12.79
CA TYR A 274 -13.56 7.81 -13.94
C TYR A 274 -14.65 8.20 -14.94
N ASN A 275 -14.60 9.43 -15.45
CA ASN A 275 -15.69 10.10 -16.22
C ASN A 275 -15.39 10.11 -17.72
N GLN A 276 -14.14 10.40 -18.10
CA GLN A 276 -13.71 10.59 -19.52
C GLN A 276 -13.89 9.27 -20.29
N ASN A 277 -13.90 9.37 -21.62
CA ASN A 277 -14.31 8.27 -22.54
C ASN A 277 -13.36 7.07 -22.38
N SER A 278 -12.05 7.28 -22.57
CA SER A 278 -10.98 6.24 -22.65
C SER A 278 -11.43 4.96 -21.93
N ASN A 279 -11.72 3.90 -22.69
CA ASN A 279 -12.26 2.61 -22.18
C ASN A 279 -11.10 1.66 -21.86
N TYR A 280 -9.85 2.15 -21.94
CA TYR A 280 -8.63 1.42 -21.48
C TYR A 280 -8.58 1.40 -19.95
N ILE A 281 -9.23 2.36 -19.28
CA ILE A 281 -9.06 2.61 -17.81
C ILE A 281 -10.42 2.77 -17.09
N ASN A 282 -10.51 2.22 -15.88
CA ASN A 282 -11.62 2.42 -14.91
C ASN A 282 -11.06 2.34 -13.48
N TYR A 283 -11.55 3.22 -12.58
CA TYR A 283 -11.27 3.23 -11.13
C TYR A 283 -12.31 4.09 -10.40
N ARG A 284 -12.53 3.80 -9.12
CA ARG A 284 -13.29 4.67 -8.18
C ARG A 284 -12.36 5.76 -7.64
N ASN A 285 -12.89 6.94 -7.35
CA ASN A 285 -12.13 8.08 -6.81
C ASN A 285 -11.74 7.78 -5.36
N LEU A 286 -10.53 8.16 -4.97
CA LEU A 286 -9.96 7.98 -3.61
C LEU A 286 -9.97 9.30 -2.83
N TYR A 287 -9.74 10.43 -3.53
CA TYR A 287 -9.68 11.79 -2.92
C TYR A 287 -11.10 12.37 -2.82
N ILE A 288 -11.99 11.63 -2.14
CA ILE A 288 -13.42 11.99 -1.92
C ILE A 288 -13.75 11.69 -0.45
N GLY A 289 -14.77 12.34 0.09
CA GLY A 289 -15.14 12.29 1.52
C GLY A 289 -14.37 13.31 2.32
N GLU A 290 -14.60 13.36 3.64
CA GLU A 290 -13.97 14.34 4.58
C GLU A 290 -12.46 14.07 4.64
N LYS A 291 -11.67 15.12 4.80
CA LYS A 291 -10.22 15.04 5.09
C LYS A 291 -10.04 14.88 6.61
N PHE A 292 -9.75 13.65 7.06
CA PHE A 292 -9.52 13.29 8.49
C PHE A 292 -8.07 13.62 8.87
N ILE A 293 -7.80 13.61 10.17
CA ILE A 293 -6.43 13.83 10.74
C ILE A 293 -6.37 13.18 12.13
N ILE A 294 -5.30 12.44 12.39
CA ILE A 294 -5.07 11.67 13.65
C ILE A 294 -4.26 12.54 14.61
N ARG A 295 -4.78 12.74 15.83
CA ARG A 295 -4.14 13.49 16.93
C ARG A 295 -3.85 12.54 18.09
N ARG A 296 -3.07 13.00 19.08
CA ARG A 296 -2.70 12.24 20.31
C ARG A 296 -3.67 12.60 21.44
N ASP A 305 8.93 10.76 17.57
CA ASP A 305 8.57 10.86 16.13
C ASP A 305 7.04 10.96 15.98
N ASP A 306 6.56 11.19 14.75
CA ASP A 306 5.12 11.41 14.43
C ASP A 306 4.52 10.14 13.82
N ILE A 307 4.95 8.97 14.28
CA ILE A 307 4.55 7.64 13.69
C ILE A 307 3.51 6.98 14.61
N VAL A 308 2.44 6.46 14.00
CA VAL A 308 1.28 5.82 14.70
C VAL A 308 1.56 4.33 14.81
N ARG A 309 1.43 3.77 16.02
CA ARG A 309 1.74 2.36 16.37
C ARG A 309 0.52 1.71 17.04
N LYS A 310 0.48 0.37 17.08
CA LYS A 310 -0.57 -0.43 17.75
C LYS A 310 -0.77 0.05 19.19
N GLU A 311 -2.03 0.12 19.64
CA GLU A 311 -2.45 0.34 21.05
C GLU A 311 -2.25 1.82 21.43
N ASP A 312 -1.84 2.67 20.49
CA ASP A 312 -1.74 4.15 20.71
C ASP A 312 -3.14 4.71 20.97
N TYR A 313 -3.22 5.68 21.87
CA TYR A 313 -4.48 6.43 22.18
C TYR A 313 -4.48 7.70 21.33
N ILE A 314 -5.54 7.90 20.54
CA ILE A 314 -5.65 8.95 19.48
C ILE A 314 -6.99 9.65 19.60
N TYR A 315 -7.10 10.83 18.98
CA TYR A 315 -8.39 11.49 18.63
C TYR A 315 -8.52 11.47 17.10
N LEU A 316 -9.65 10.99 16.59
CA LEU A 316 -9.97 10.99 15.13
C LEU A 316 -10.71 12.29 14.81
N ASP A 317 -10.04 13.18 14.08
CA ASP A 317 -10.54 14.54 13.72
C ASP A 317 -10.70 14.64 12.21
N PHE A 318 -11.39 15.68 11.75
CA PHE A 318 -11.56 16.03 10.31
C PHE A 318 -11.82 17.53 10.21
N PHE A 319 -11.65 18.09 9.01
CA PHE A 319 -11.80 19.54 8.74
C PHE A 319 -13.20 19.77 8.14
N ASN A 320 -14.02 20.57 8.82
CA ASN A 320 -15.35 21.02 8.37
C ASN A 320 -15.25 22.52 8.08
N SER A 321 -15.31 22.89 6.80
CA SER A 321 -14.86 24.22 6.28
C SER A 321 -13.39 24.39 6.65
N ASN A 322 -13.06 25.37 7.49
CA ASN A 322 -11.68 25.68 7.92
C ASN A 322 -11.65 25.70 9.46
N ARG A 323 -12.21 24.64 10.06
CA ARG A 323 -12.25 24.40 11.53
C ARG A 323 -12.13 22.88 11.76
N GLU A 324 -11.23 22.47 12.67
CA GLU A 324 -10.91 21.04 12.93
C GLU A 324 -11.95 20.45 13.90
N TRP A 325 -12.72 19.47 13.43
CA TRP A 325 -13.81 18.79 14.18
C TRP A 325 -13.32 17.43 14.70
N ARG A 326 -14.18 16.68 15.41
CA ARG A 326 -13.84 15.43 16.13
C ARG A 326 -14.93 14.38 15.96
N VAL A 327 -14.56 13.10 15.94
CA VAL A 327 -15.47 11.92 15.96
C VAL A 327 -15.64 11.46 17.41
N TYR A 328 -16.84 11.62 17.98
CA TYR A 328 -17.20 11.19 19.36
C TYR A 328 -18.18 10.03 19.33
N ALA A 329 -18.19 9.21 20.38
CA ALA A 329 -19.15 8.10 20.63
C ALA A 329 -20.02 8.45 21.84
N TYR A 330 -21.34 8.44 21.67
CA TYR A 330 -22.36 8.77 22.70
C TYR A 330 -22.32 7.70 23.81
N LYS A 331 -22.07 8.12 25.06
CA LYS A 331 -21.83 7.25 26.24
C LYS A 331 -23.09 6.46 26.60
N ASP A 332 -24.28 7.02 26.33
CA ASP A 332 -25.58 6.31 26.47
C ASP A 332 -25.75 5.38 25.27
N PHE A 333 -25.38 4.11 25.44
CA PHE A 333 -25.20 3.11 24.35
C PHE A 333 -25.76 1.75 24.81
N LYS A 334 -27.09 1.63 24.82
CA LYS A 334 -27.83 0.40 25.19
C LYS A 334 -27.95 -0.51 23.95
N GLU A 335 -28.10 0.08 22.76
CA GLU A 335 -28.21 -0.63 21.46
C GLU A 335 -26.85 -1.26 21.11
N GLU A 336 -26.83 -2.16 20.12
CA GLU A 336 -25.63 -2.90 19.67
C GLU A 336 -24.76 -1.98 18.81
N GLU A 337 -25.40 -1.15 17.98
CA GLU A 337 -24.72 -0.17 17.08
C GLU A 337 -25.44 1.19 17.19
N LYS A 338 -24.71 2.28 16.96
CA LYS A 338 -25.22 3.67 17.07
C LYS A 338 -24.40 4.59 16.16
N LYS A 339 -25.02 5.68 15.67
CA LYS A 339 -24.39 6.69 14.79
C LYS A 339 -23.37 7.48 15.63
N LEU A 340 -22.18 7.75 15.08
CA LEU A 340 -21.12 8.55 15.75
C LEU A 340 -21.52 10.03 15.68
N PHE A 341 -20.96 10.85 16.58
CA PHE A 341 -21.23 12.30 16.71
C PHE A 341 -20.01 13.08 16.17
N LEU A 342 -20.23 13.82 15.09
CA LEU A 342 -19.24 14.69 14.41
C LEU A 342 -19.52 16.15 14.81
N ALA A 343 -18.66 16.76 15.64
CA ALA A 343 -18.85 18.13 16.15
C ALA A 343 -17.49 18.80 16.41
N ASN A 344 -17.54 20.09 16.78
CA ASN A 344 -16.35 20.91 17.16
C ASN A 344 -15.66 20.26 18.36
N ILE A 345 -14.36 20.52 18.52
CA ILE A 345 -13.51 19.94 19.61
C ILE A 345 -13.92 20.57 20.94
N TYR A 346 -14.62 19.83 21.78
CA TYR A 346 -15.21 20.29 23.07
C TYR A 346 -15.42 19.10 24.01
N ASP A 347 -14.88 19.17 25.23
CA ASP A 347 -14.97 18.09 26.24
C ASP A 347 -16.38 18.07 26.82
N SER A 348 -17.08 16.96 26.61
CA SER A 348 -18.46 16.69 27.12
C SER A 348 -18.45 15.35 27.87
N ASN A 349 -19.14 15.30 29.02
CA ASN A 349 -19.29 14.07 29.86
C ASN A 349 -20.31 13.12 29.21
N GLU A 350 -21.01 13.58 28.15
CA GLU A 350 -22.02 12.79 27.40
C GLU A 350 -21.36 11.97 26.28
N PHE A 351 -20.07 12.21 25.97
CA PHE A 351 -19.40 11.66 24.75
C PHE A 351 -17.99 11.14 25.07
N TYR A 352 -17.69 9.93 24.58
CA TYR A 352 -16.33 9.34 24.49
C TYR A 352 -15.58 9.98 23.32
N LYS A 353 -14.28 10.26 23.52
CA LYS A 353 -13.42 10.94 22.51
C LYS A 353 -12.14 10.12 22.27
N THR A 354 -11.66 9.39 23.27
CA THR A 354 -10.38 8.62 23.25
C THR A 354 -10.60 7.30 22.48
N ILE A 355 -9.95 7.18 21.32
CA ILE A 355 -9.93 5.96 20.46
C ILE A 355 -8.55 5.30 20.61
N GLN A 356 -8.51 3.97 20.65
CA GLN A 356 -7.25 3.18 20.61
C GLN A 356 -7.18 2.44 19.27
N ILE A 357 -6.19 2.77 18.45
CA ILE A 357 -5.95 2.17 17.11
C ILE A 357 -5.40 0.75 17.31
N LYS A 358 -5.96 -0.22 16.57
CA LYS A 358 -5.73 -1.68 16.74
C LYS A 358 -5.27 -2.30 15.41
N GLU A 359 -4.66 -3.48 15.47
CA GLU A 359 -4.24 -4.29 14.28
C GLU A 359 -4.44 -5.77 14.60
N TYR A 360 -5.69 -6.24 14.50
CA TYR A 360 -6.13 -7.58 14.94
C TYR A 360 -5.65 -8.65 13.95
N ASP A 361 -5.61 -8.31 12.66
CA ASP A 361 -5.23 -9.24 11.56
C ASP A 361 -3.78 -9.70 11.76
N GLU A 362 -3.53 -11.01 11.74
CA GLU A 362 -2.20 -11.64 11.87
C GLU A 362 -1.52 -11.69 10.49
N GLN A 363 -2.32 -11.71 9.42
CA GLN A 363 -1.81 -11.83 8.02
C GLN A 363 -1.50 -10.43 7.47
N PRO A 364 -0.61 -10.32 6.46
CA PRO A 364 -0.28 -9.02 5.86
C PRO A 364 -1.54 -8.24 5.46
N THR A 365 -1.49 -6.93 5.64
CA THR A 365 -2.64 -5.99 5.44
C THR A 365 -2.13 -4.56 5.56
N TYR A 366 -2.91 -3.59 5.11
CA TYR A 366 -2.71 -2.14 5.37
C TYR A 366 -3.88 -1.62 6.21
N SER A 367 -4.77 -2.52 6.64
CA SER A 367 -5.99 -2.21 7.43
C SER A 367 -5.65 -2.12 8.91
N CYS A 368 -6.34 -1.23 9.63
CA CYS A 368 -6.35 -1.11 11.10
C CYS A 368 -7.80 -0.96 11.58
N GLN A 369 -8.02 -1.00 12.89
CA GLN A 369 -9.36 -0.88 13.53
C GLN A 369 -9.31 0.23 14.59
N LEU A 370 -10.48 0.74 14.98
CA LEU A 370 -10.62 1.91 15.89
C LEU A 370 -11.57 1.54 17.03
N LEU A 371 -11.04 1.49 18.25
CA LEU A 371 -11.72 1.00 19.48
C LEU A 371 -11.92 2.16 20.46
N PHE A 372 -13.17 2.48 20.79
CA PHE A 372 -13.55 3.43 21.87
C PHE A 372 -13.45 2.72 23.23
N LYS A 373 -12.70 3.30 24.17
CA LYS A 373 -12.55 2.80 25.56
C LYS A 373 -12.89 3.93 26.54
N LYS A 374 -13.09 3.56 27.81
CA LYS A 374 -13.53 4.46 28.92
C LYS A 374 -12.31 5.23 29.45
N THR A 379 -10.51 0.03 32.37
CA THR A 379 -10.32 0.04 30.89
C THR A 379 -11.16 -1.09 30.27
N ASP A 380 -12.42 -0.77 29.93
CA ASP A 380 -13.40 -1.67 29.26
C ASP A 380 -13.26 -1.54 27.75
N GLU A 381 -14.21 -2.08 26.98
CA GLU A 381 -14.30 -1.93 25.50
C GLU A 381 -15.75 -1.64 25.12
N ILE A 382 -16.01 -0.46 24.56
CA ILE A 382 -17.36 0.10 24.30
C ILE A 382 -17.87 -0.43 22.94
N GLY A 383 -17.04 -0.35 21.91
CA GLY A 383 -17.37 -0.78 20.54
C GLY A 383 -16.32 -0.32 19.55
N LEU A 384 -16.33 -0.89 18.34
CA LEU A 384 -15.40 -0.53 17.24
C LEU A 384 -16.16 0.36 16.24
N ILE A 385 -15.43 1.27 15.59
CA ILE A 385 -15.96 2.17 14.52
C ILE A 385 -16.14 1.32 13.25
N GLY A 386 -17.25 1.50 12.54
CA GLY A 386 -17.55 0.79 11.28
C GLY A 386 -18.65 1.46 10.49
N ILE A 387 -19.43 0.67 9.74
CA ILE A 387 -20.58 1.12 8.91
C ILE A 387 -21.75 0.14 9.13
N HIS A 388 -22.98 0.66 9.19
CA HIS A 388 -24.20 -0.12 9.50
C HIS A 388 -25.42 0.51 8.83
N ARG A 389 -26.46 -0.31 8.60
CA ARG A 389 -27.77 0.10 8.01
C ARG A 389 -28.72 0.49 9.13
N PHE A 390 -28.99 1.80 9.29
CA PHE A 390 -29.99 2.34 10.23
C PHE A 390 -31.27 2.68 9.45
N TYR A 391 -32.42 2.37 10.05
CA TYR A 391 -33.78 2.69 9.50
C TYR A 391 -34.11 4.14 9.86
N GLU A 392 -35.04 4.74 9.11
CA GLU A 392 -35.44 6.17 9.24
C GLU A 392 -36.97 6.28 9.15
N ASP A 399 -37.75 2.45 4.88
CA ASP A 399 -36.54 2.87 4.12
C ASP A 399 -35.33 2.86 5.06
N TYR A 400 -34.14 2.56 4.53
CA TYR A 400 -32.87 2.44 5.30
C TYR A 400 -31.76 3.22 4.61
N LYS A 401 -30.72 3.56 5.37
CA LYS A 401 -29.51 4.30 4.89
C LYS A 401 -28.30 3.89 5.73
N ASN A 402 -27.10 4.02 5.15
CA ASN A 402 -25.79 3.65 5.77
C ASN A 402 -25.21 4.86 6.49
N TYR A 403 -24.66 4.65 7.68
CA TYR A 403 -24.07 5.69 8.56
C TYR A 403 -22.76 5.22 9.18
N PHE A 404 -21.88 6.20 9.46
CA PHE A 404 -20.62 6.07 10.23
C PHE A 404 -20.99 5.82 11.70
N CYS A 405 -20.66 4.64 12.23
CA CYS A 405 -21.22 4.09 13.49
C CYS A 405 -20.14 3.49 14.39
N ILE A 406 -20.45 3.40 15.69
CA ILE A 406 -19.79 2.47 16.66
C ILE A 406 -20.64 1.20 16.69
N SER A 407 -20.05 0.05 17.05
CA SER A 407 -20.75 -1.26 17.02
C SER A 407 -20.10 -2.23 18.03
N LYS A 408 -20.93 -2.85 18.87
CA LYS A 408 -20.52 -3.89 19.86
C LYS A 408 -20.30 -5.22 19.13
N TRP A 409 -21.00 -5.44 18.02
CA TRP A 409 -20.97 -6.70 17.20
C TRP A 409 -19.52 -7.05 16.86
N TYR A 410 -18.74 -6.06 16.42
CA TYR A 410 -17.36 -6.23 15.91
C TYR A 410 -16.45 -6.81 17.01
N LEU A 411 -16.72 -6.50 18.28
CA LEU A 411 -15.88 -6.89 19.44
C LEU A 411 -15.71 -8.42 19.50
N LYS A 412 -16.74 -9.18 19.09
CA LYS A 412 -16.73 -10.68 19.09
C LYS A 412 -16.07 -11.19 17.80
N GLU A 413 -16.40 -10.58 16.66
CA GLU A 413 -15.93 -11.02 15.31
C GLU A 413 -14.40 -10.95 15.23
N VAL A 414 -13.78 -9.93 15.83
CA VAL A 414 -12.31 -9.67 15.73
C VAL A 414 -11.54 -10.77 16.46
N LYS A 415 -12.18 -11.49 17.40
CA LYS A 415 -11.54 -12.57 18.20
C LYS A 415 -11.58 -13.90 17.42
N ARG A 416 -12.52 -14.04 16.47
CA ARG A 416 -12.65 -15.23 15.58
C ARG A 416 -11.40 -15.34 14.70
N LYS A 417 -10.96 -16.57 14.42
CA LYS A 417 -9.79 -16.89 13.56
C LYS A 417 -10.25 -17.77 12.41
N PRO A 418 -9.73 -17.57 11.16
CA PRO A 418 -8.79 -16.49 10.87
C PRO A 418 -9.53 -15.14 10.84
N TYR A 419 -8.81 -14.05 11.16
CA TYR A 419 -9.35 -12.67 11.16
C TYR A 419 -9.89 -12.36 9.76
N ASN A 420 -11.17 -11.99 9.66
CA ASN A 420 -11.88 -11.69 8.39
C ASN A 420 -11.47 -10.31 7.90
N PRO A 421 -10.74 -10.20 6.77
CA PRO A 421 -10.22 -8.91 6.30
C PRO A 421 -11.26 -7.98 5.66
N ASN A 422 -12.45 -8.50 5.33
CA ASN A 422 -13.55 -7.75 4.67
C ASN A 422 -14.58 -7.28 5.72
N LEU A 423 -14.20 -7.21 7.00
CA LEU A 423 -15.11 -6.71 8.06
C LEU A 423 -15.22 -5.19 7.95
N GLY A 424 -16.40 -4.64 8.28
CA GLY A 424 -16.72 -3.21 8.19
C GLY A 424 -15.88 -2.36 9.14
N CYS A 425 -15.27 -2.96 10.17
CA CYS A 425 -14.47 -2.26 11.21
C CYS A 425 -13.01 -2.11 10.79
N ASN A 426 -12.64 -2.60 9.59
CA ASN A 426 -11.28 -2.50 8.98
C ASN A 426 -11.19 -1.22 8.14
N TRP A 427 -10.30 -0.30 8.50
CA TRP A 427 -10.15 1.03 7.83
C TRP A 427 -8.73 1.20 7.30
N GLN A 428 -8.57 2.07 6.29
CA GLN A 428 -7.27 2.48 5.73
C GLN A 428 -7.28 4.00 5.48
N PHE A 429 -6.13 4.64 5.65
CA PHE A 429 -5.95 6.10 5.47
C PHE A 429 -5.21 6.35 4.15
N ILE A 430 -5.78 7.21 3.30
CA ILE A 430 -5.22 7.60 1.98
C ILE A 430 -4.81 9.06 2.04
N PRO A 431 -3.49 9.38 2.08
CA PRO A 431 -3.02 10.75 1.87
C PRO A 431 -2.94 11.05 0.37
N LYS A 432 -2.73 12.31 0.01
CA LYS A 432 -2.37 12.70 -1.38
C LYS A 432 -1.00 12.09 -1.68
N ASP A 433 -0.81 11.57 -2.89
CA ASP A 433 0.47 11.01 -3.38
C ASP A 433 0.67 11.42 -4.83
N GLU A 434 1.88 11.88 -5.18
CA GLU A 434 2.27 12.25 -6.56
C GLU A 434 2.09 11.07 -7.52
N GLY A 435 2.04 9.84 -6.99
CA GLY A 435 1.86 8.61 -7.77
C GLY A 435 0.39 8.28 -8.04
N TRP A 436 -0.54 9.10 -7.55
CA TRP A 436 -2.00 8.94 -7.82
C TRP A 436 -2.62 10.33 -8.02
N ILE A 437 -2.83 10.70 -9.29
CA ILE A 437 -3.55 11.94 -9.71
C ILE A 437 -4.86 11.50 -10.38
N GLU A 438 -6.01 12.04 -9.92
CA GLU A 438 -7.36 11.69 -10.42
C GLU A 438 -8.11 12.97 -10.79
N ALA B 7 -23.40 26.26 19.92
CA ALA B 7 -22.98 25.65 18.62
C ALA B 7 -22.91 24.13 18.77
N PHE B 8 -22.20 23.66 19.81
CA PHE B 8 -22.07 22.22 20.20
C PHE B 8 -23.45 21.68 20.58
N SER B 9 -24.21 22.46 21.36
CA SER B 9 -25.59 22.13 21.81
C SER B 9 -26.48 21.91 20.59
N LYS B 10 -26.45 22.85 19.64
CA LYS B 10 -27.29 22.86 18.41
C LYS B 10 -26.97 21.64 17.55
N LEU B 11 -25.70 21.19 17.56
CA LEU B 11 -25.23 19.97 16.84
C LEU B 11 -25.69 18.71 17.60
N LYS B 12 -25.60 18.72 18.94
CA LYS B 12 -26.00 17.58 19.81
C LYS B 12 -27.50 17.30 19.65
N GLU B 13 -28.34 18.34 19.57
CA GLU B 13 -29.80 18.19 19.35
C GLU B 13 -30.05 17.47 18.02
N LYS B 14 -29.44 17.98 16.95
CA LYS B 14 -29.52 17.40 15.58
C LYS B 14 -29.04 15.94 15.63
N PHE B 15 -28.02 15.63 16.43
CA PHE B 15 -27.52 14.26 16.69
C PHE B 15 -28.62 13.42 17.36
N MET B 16 -29.31 13.99 18.35
CA MET B 16 -30.43 13.33 19.07
C MET B 16 -31.59 13.06 18.09
N ASN B 17 -31.90 14.02 17.23
CA ASN B 17 -32.97 13.92 16.20
C ASN B 17 -32.70 12.73 15.27
N GLU B 18 -31.42 12.51 14.90
CA GLU B 18 -30.97 11.41 14.00
C GLU B 18 -31.10 10.07 14.73
N LEU B 19 -30.78 10.02 16.03
CA LEU B 19 -30.81 8.81 16.87
C LEU B 19 -32.25 8.25 16.95
N HIS B 20 -33.26 9.13 16.97
CA HIS B 20 -34.70 8.80 17.09
C HIS B 20 -34.92 7.28 17.11
#